data_1VMI
#
_entry.id   1VMI
#
_cell.length_a   95.307
_cell.length_b   95.307
_cell.length_c   175.512
_cell.angle_alpha   90.00
_cell.angle_beta   90.00
_cell.angle_gamma   120.00
#
_symmetry.space_group_name_H-M   'P 63 2 2'
#
loop_
_entity.id
_entity.type
_entity.pdbx_description
1 polymer 'putative phosphate acetyltransferase'
2 non-polymer GLYCEROL
3 water water
#
_entity_poly.entity_id   1
_entity_poly.type   'polypeptide(L)'
_entity_poly.pdbx_seq_one_letter_code
;HHHHHHTDPALRAIIERCRELALRAPARVVFPDALDQRVLKAAQYLHQQGLATPILVANPFELRQFALSHGVA(MSE)DG
LQVIDPHGNLA(MSE)REEFAHRWLARAGEKTPPDALEKLTDPL(MSE)FAAA(MSE)VSAGKADVCIAGNLSSTANVLR
AGLRIIGLQPGCKTLSSIFL(MSE)LPQYSGPALGFADCSVVPQPTAAQLADIALASAETWRAITGEEPRVA(MSE)LSF
SSNGSARHPCVANVQQATEIVRERAPKLVVDGELQFDAAFVPEVAAQKAPASPLQGKANV(MSE)VFPSLEAGNIGYKIA
QRLGGYRAVGPLIQGLAAP(MSE)HDLSRGCSVQEIIELALVAAVPRQTEVNRESSLQTLVEGLCGR
;
_entity_poly.pdbx_strand_id   A
#
loop_
_chem_comp.id
_chem_comp.type
_chem_comp.name
_chem_comp.formula
GOL non-polymer GLYCEROL 'C3 H8 O3'
#
# COMPACT_ATOMS: atom_id res chain seq x y z
N THR A 7 8.66 19.26 -11.69
CA THR A 7 8.24 19.14 -13.14
C THR A 7 7.38 17.89 -13.38
N ASP A 8 7.75 16.72 -12.84
CA ASP A 8 6.94 15.54 -13.10
C ASP A 8 5.52 15.78 -12.53
N PRO A 9 4.49 15.72 -13.39
CA PRO A 9 3.11 15.91 -12.92
C PRO A 9 2.67 14.93 -11.86
N ALA A 10 3.28 13.75 -11.82
CA ALA A 10 2.91 12.77 -10.80
C ALA A 10 3.49 13.14 -9.43
N LEU A 11 4.70 13.66 -9.38
CA LEU A 11 5.25 14.14 -8.11
C LEU A 11 4.53 15.42 -7.65
N ARG A 12 4.33 16.34 -8.57
CA ARG A 12 3.61 17.56 -8.29
C ARG A 12 2.27 17.23 -7.65
N ALA A 13 1.57 16.29 -8.28
CA ALA A 13 0.24 15.89 -7.85
C ALA A 13 0.20 15.23 -6.48
N ILE A 14 1.23 14.47 -6.16
CA ILE A 14 1.32 13.74 -4.88
C ILE A 14 1.49 14.73 -3.73
N ILE A 15 2.51 15.55 -3.87
CA ILE A 15 2.83 16.60 -2.90
C ILE A 15 1.63 17.52 -2.64
N GLU A 16 1.06 18.05 -3.71
CA GLU A 16 -0.05 18.98 -3.58
C GLU A 16 -1.30 18.28 -3.04
N ARG A 17 -1.53 17.03 -3.42
CA ARG A 17 -2.65 16.29 -2.83
C ARG A 17 -2.51 16.04 -1.34
N CYS A 18 -1.28 15.88 -0.85
CA CYS A 18 -1.03 15.78 0.59
C CYS A 18 -1.19 17.15 1.27
N ARG A 19 -0.76 18.21 0.61
CA ARG A 19 -1.06 19.57 1.09
C ARG A 19 -2.56 19.69 1.37
N GLU A 20 -3.36 19.32 0.36
CA GLU A 20 -4.79 19.59 0.34
C GLU A 20 -5.60 18.70 1.25
N LEU A 21 -4.97 17.70 1.84
CA LEU A 21 -5.64 16.90 2.88
C LEU A 21 -6.20 17.81 3.97
N ALA A 22 -5.50 18.89 4.26
CA ALA A 22 -5.91 19.86 5.27
C ALA A 22 -7.09 20.73 4.85
N LEU A 23 -7.43 20.71 3.57
CA LEU A 23 -8.43 21.67 3.01
C LEU A 23 -9.78 20.98 2.73
N ARG A 24 -9.84 19.68 3.01
CA ARG A 24 -11.07 18.91 2.91
C ARG A 24 -11.22 18.07 4.17
N ALA A 25 -12.38 17.45 4.31
CA ALA A 25 -12.72 16.63 5.48
C ALA A 25 -11.69 15.57 5.72
N PRO A 26 -11.33 15.33 7.01
CA PRO A 26 -10.20 14.43 7.26
C PRO A 26 -10.55 12.95 7.09
N ALA A 27 -9.60 12.17 6.61
CA ALA A 27 -9.73 10.73 6.57
C ALA A 27 -9.55 10.25 8.00
N ARG A 28 -10.34 9.25 8.38
CA ARG A 28 -10.18 8.61 9.66
C ARG A 28 -9.20 7.48 9.47
N VAL A 29 -8.05 7.61 10.12
CA VAL A 29 -6.98 6.63 10.03
C VAL A 29 -6.85 5.89 11.36
N VAL A 30 -7.11 4.60 11.34
CA VAL A 30 -7.09 3.79 12.57
C VAL A 30 -5.71 3.12 12.80
N PHE A 31 -5.21 3.22 14.02
CA PHE A 31 -3.89 2.65 14.38
C PHE A 31 -4.06 1.62 15.48
N PRO A 32 -4.02 0.31 15.16
CA PRO A 32 -4.18 -0.71 16.18
C PRO A 32 -2.97 -1.03 17.08
N ASP A 33 -1.75 -0.75 16.60
CA ASP A 33 -0.52 -0.86 17.38
C ASP A 33 -0.29 0.47 18.10
N ALA A 34 -1.24 0.84 18.94
CA ALA A 34 -1.22 2.18 19.56
C ALA A 34 -0.26 2.41 20.72
N LEU A 35 0.17 1.34 21.38
CA LEU A 35 1.05 1.44 22.51
C LEU A 35 2.49 1.54 22.02
N ASP A 36 2.73 2.61 21.29
CA ASP A 36 3.98 2.83 20.65
C ASP A 36 4.10 4.32 20.52
N GLN A 37 5.13 4.88 21.13
CA GLN A 37 5.26 6.30 21.17
C GLN A 37 5.41 6.95 19.79
N ARG A 38 5.91 6.22 18.80
CA ARG A 38 6.02 6.72 17.44
C ARG A 38 4.64 6.95 16.83
N VAL A 39 3.76 5.98 17.05
CA VAL A 39 2.36 6.10 16.62
C VAL A 39 1.64 7.26 17.30
N LEU A 40 1.85 7.40 18.61
CA LEU A 40 1.24 8.51 19.36
C LEU A 40 1.73 9.84 18.81
N LYS A 41 3.02 9.92 18.52
CA LYS A 41 3.58 11.14 17.96
C LYS A 41 3.04 11.41 16.55
N ALA A 42 3.04 10.39 15.71
CA ALA A 42 2.51 10.52 14.34
C ALA A 42 1.05 11.00 14.38
N ALA A 43 0.25 10.32 15.22
CA ALA A 43 -1.14 10.67 15.49
C ALA A 43 -1.37 12.10 15.96
N GLN A 44 -0.57 12.52 16.94
CA GLN A 44 -0.73 13.86 17.44
C GLN A 44 -0.38 14.93 16.37
N TYR A 45 0.66 14.66 15.57
CA TYR A 45 1.02 15.52 14.45
C TYR A 45 -0.12 15.63 13.42
N LEU A 46 -0.65 14.48 13.01
CA LEU A 46 -1.74 14.44 12.04
C LEU A 46 -2.90 15.27 12.51
N HIS A 47 -3.25 15.12 13.77
CA HIS A 47 -4.34 15.87 14.38
C HIS A 47 -4.06 17.35 14.44
N GLN A 48 -2.88 17.72 14.90
CA GLN A 48 -2.50 19.09 15.07
C GLN A 48 -2.49 19.78 13.74
N GLN A 49 -2.08 19.07 12.70
CA GLN A 49 -1.99 19.66 11.37
C GLN A 49 -3.31 19.58 10.60
N GLY A 50 -4.34 18.99 11.21
CA GLY A 50 -5.63 18.77 10.56
C GLY A 50 -5.53 17.99 9.25
N LEU A 51 -4.60 17.04 9.20
CA LEU A 51 -4.32 16.26 8.01
C LEU A 51 -5.09 14.95 8.02
N ALA A 52 -5.54 14.54 9.20
CA ALA A 52 -6.32 13.32 9.35
C ALA A 52 -6.95 13.25 10.75
N THR A 53 -7.91 12.36 10.88
CA THR A 53 -8.51 12.02 12.18
C THR A 53 -7.95 10.66 12.62
N PRO A 54 -6.91 10.65 13.48
CA PRO A 54 -6.38 9.40 13.98
C PRO A 54 -7.30 8.74 15.00
N ILE A 55 -7.33 7.41 14.97
CA ILE A 55 -8.10 6.64 15.93
C ILE A 55 -7.17 5.57 16.46
N LEU A 56 -6.98 5.59 17.78
CA LEU A 56 -6.08 4.65 18.45
C LEU A 56 -6.88 3.52 19.05
N VAL A 57 -6.53 2.29 18.73
CA VAL A 57 -7.24 1.09 19.25
C VAL A 57 -6.51 0.53 20.46
N ALA A 58 -7.07 0.73 21.65
CA ALA A 58 -6.40 0.35 22.92
C ALA A 58 -7.33 0.58 24.09
N ASN A 59 -7.00 0.00 25.23
CA ASN A 59 -7.66 0.37 26.44
C ASN A 59 -7.25 1.82 26.79
N PRO A 60 -8.24 2.69 27.03
CA PRO A 60 -7.91 4.08 27.22
C PRO A 60 -7.16 4.35 28.52
N PHE A 61 -7.36 3.51 29.52
CA PHE A 61 -6.61 3.61 30.79
C PHE A 61 -5.17 3.16 30.60
N GLU A 62 -4.97 2.09 29.84
CA GLU A 62 -3.63 1.62 29.58
C GLU A 62 -2.82 2.60 28.74
N LEU A 63 -3.44 3.09 27.68
CA LEU A 63 -2.85 4.06 26.78
C LEU A 63 -2.57 5.40 27.44
N ARG A 64 -3.50 5.90 28.25
CA ARG A 64 -3.25 7.13 29.00
C ARG A 64 -1.99 7.04 29.89
N GLN A 65 -1.84 5.93 30.61
CA GLN A 65 -0.66 5.63 31.43
C GLN A 65 0.60 5.54 30.56
N PHE A 66 0.47 4.85 29.41
CA PHE A 66 1.58 4.70 28.46
C PHE A 66 2.07 6.07 28.00
N ALA A 67 1.14 6.87 27.51
CA ALA A 67 1.42 8.16 26.94
C ALA A 67 1.95 9.15 27.95
N LEU A 68 1.45 9.08 29.17
CA LEU A 68 1.92 9.93 30.23
C LEU A 68 3.37 9.56 30.56
N SER A 69 3.69 8.27 30.50
CA SER A 69 5.05 7.85 30.84
C SER A 69 6.05 8.08 29.70
N HIS A 70 5.58 8.23 28.46
CA HIS A 70 6.48 8.54 27.34
C HIS A 70 6.46 10.03 26.98
N GLY A 71 5.70 10.83 27.72
CA GLY A 71 5.61 12.27 27.51
C GLY A 71 4.98 12.74 26.20
N VAL A 72 3.98 12.03 25.71
CA VAL A 72 3.31 12.39 24.46
C VAL A 72 1.91 12.93 24.72
N ALA A 73 1.58 14.04 24.05
CA ALA A 73 0.32 14.70 24.22
C ALA A 73 -0.84 13.94 23.54
N MSE A 74 -1.80 13.54 24.38
CA MSE A 74 -2.97 12.76 23.95
C MSE A 74 -4.15 13.62 23.51
O MSE A 74 -5.13 13.10 22.97
CB MSE A 74 -3.40 11.88 25.13
CG MSE A 74 -2.48 10.70 25.32
SE MSE A 74 -2.41 9.60 23.64
CE MSE A 74 -4.39 8.77 23.71
N ASP A 75 -4.01 14.93 23.72
CA ASP A 75 -5.03 15.93 23.43
C ASP A 75 -5.71 15.77 22.09
N GLY A 76 -7.02 15.58 22.13
CA GLY A 76 -7.85 15.58 20.93
C GLY A 76 -7.81 14.29 20.12
N LEU A 77 -7.26 13.21 20.69
CA LEU A 77 -7.11 11.93 19.94
C LEU A 77 -8.18 10.93 20.35
N GLN A 78 -8.93 10.41 19.37
CA GLN A 78 -9.91 9.41 19.70
C GLN A 78 -9.22 8.08 20.01
N VAL A 79 -9.64 7.48 21.12
CA VAL A 79 -9.25 6.16 21.55
C VAL A 79 -10.48 5.25 21.63
N ILE A 80 -10.36 4.03 21.11
CA ILE A 80 -11.45 3.09 21.12
C ILE A 80 -10.97 1.71 21.63
N ASP A 81 -11.66 1.19 22.64
CA ASP A 81 -11.30 -0.06 23.28
C ASP A 81 -11.92 -1.27 22.55
N PRO A 82 -11.07 -2.16 21.95
CA PRO A 82 -11.59 -3.29 21.21
C PRO A 82 -12.14 -4.39 22.10
N HIS A 83 -11.86 -4.34 23.40
CA HIS A 83 -12.47 -5.26 24.35
C HIS A 83 -13.79 -4.71 24.88
N GLY A 84 -14.06 -3.43 24.66
CA GLY A 84 -15.40 -2.92 24.90
C GLY A 84 -16.18 -2.97 23.61
N ASN A 85 -17.09 -2.03 23.43
CA ASN A 85 -17.71 -1.81 22.14
C ASN A 85 -18.32 -3.12 21.58
N LEU A 86 -19.05 -3.81 22.44
CA LEU A 86 -19.76 -5.05 22.10
C LEU A 86 -20.77 -4.82 20.97
N ALA A 87 -21.53 -3.74 21.09
CA ALA A 87 -22.48 -3.32 20.07
C ALA A 87 -21.80 -3.27 18.72
N MSE A 88 -20.63 -2.65 18.68
CA MSE A 88 -19.84 -2.54 17.45
C MSE A 88 -19.26 -3.85 16.99
O MSE A 88 -19.31 -4.15 15.81
CB MSE A 88 -18.67 -1.60 17.64
CG MSE A 88 -18.88 -0.28 17.07
SE MSE A 88 -17.16 0.67 17.17
CE MSE A 88 -17.83 2.07 18.53
N ARG A 89 -18.67 -4.57 17.93
CA ARG A 89 -18.14 -5.90 17.64
C ARG A 89 -19.20 -6.89 17.14
N GLU A 90 -20.42 -6.81 17.68
CA GLU A 90 -21.56 -7.58 17.17
C GLU A 90 -21.90 -7.26 15.70
N GLU A 91 -21.94 -5.98 15.38
CA GLU A 91 -22.07 -5.54 13.99
C GLU A 91 -20.90 -6.06 13.13
N PHE A 92 -19.68 -6.05 13.64
CA PHE A 92 -18.52 -6.54 12.86
C PHE A 92 -18.61 -8.06 12.66
N ALA A 93 -18.98 -8.77 13.72
CA ALA A 93 -19.20 -10.19 13.67
C ALA A 93 -20.23 -10.50 12.60
N HIS A 94 -21.33 -9.76 12.60
CA HIS A 94 -22.41 -9.98 11.62
C HIS A 94 -21.95 -9.70 10.17
N ARG A 95 -21.26 -8.58 9.94
CA ARG A 95 -20.70 -8.29 8.61
C ARG A 95 -19.70 -9.34 8.16
N TRP A 96 -18.95 -9.90 9.10
CA TRP A 96 -17.99 -10.95 8.80
C TRP A 96 -18.71 -12.23 8.40
N LEU A 97 -19.74 -12.59 9.13
CA LEU A 97 -20.53 -13.79 8.82
C LEU A 97 -21.13 -13.69 7.42
N ALA A 98 -21.82 -12.59 7.15
CA ALA A 98 -22.39 -12.33 5.84
C ALA A 98 -21.40 -12.45 4.67
N ARG A 99 -20.16 -12.05 4.90
CA ARG A 99 -19.15 -12.04 3.84
C ARG A 99 -18.57 -13.44 3.74
N ALA A 100 -18.04 -13.93 4.85
CA ALA A 100 -17.17 -15.11 4.83
C ALA A 100 -17.94 -16.42 4.93
N GLY A 101 -19.13 -16.37 5.50
CA GLY A 101 -20.00 -17.52 5.51
C GLY A 101 -19.49 -18.66 6.36
N GLU A 102 -19.37 -19.85 5.76
CA GLU A 102 -18.91 -21.05 6.46
C GLU A 102 -17.52 -20.81 7.03
N LYS A 103 -16.71 -20.02 6.34
CA LYS A 103 -15.35 -19.69 6.79
C LYS A 103 -15.31 -18.72 7.99
N THR A 104 -16.45 -18.41 8.61
CA THR A 104 -16.46 -17.48 9.73
C THR A 104 -16.19 -18.27 11.01
N PRO A 105 -15.14 -17.89 11.78
CA PRO A 105 -14.88 -18.60 13.03
C PRO A 105 -16.02 -18.47 14.02
N PRO A 106 -16.19 -19.46 14.91
CA PRO A 106 -17.06 -19.03 16.00
C PRO A 106 -16.10 -18.29 16.95
N ASP A 107 -16.68 -17.68 17.96
CA ASP A 107 -15.90 -16.79 18.80
C ASP A 107 -15.41 -15.62 17.96
N ALA A 108 -16.00 -15.40 16.78
CA ALA A 108 -15.73 -14.18 15.99
C ALA A 108 -15.73 -12.95 16.91
N LEU A 109 -16.74 -12.87 17.77
CA LEU A 109 -16.89 -11.79 18.74
C LEU A 109 -15.65 -11.56 19.56
N GLU A 110 -15.01 -12.63 20.00
CA GLU A 110 -13.73 -12.61 20.74
C GLU A 110 -12.51 -12.29 19.90
N LYS A 111 -12.43 -12.89 18.72
CA LYS A 111 -11.35 -12.60 17.77
C LYS A 111 -11.32 -11.12 17.41
N LEU A 112 -12.49 -10.49 17.34
CA LEU A 112 -12.58 -9.05 17.05
C LEU A 112 -12.10 -8.13 18.16
N THR A 113 -11.83 -8.68 19.35
CA THR A 113 -11.25 -7.86 20.40
C THR A 113 -9.75 -7.68 20.21
N ASP A 114 -9.16 -8.49 19.32
CA ASP A 114 -7.78 -8.25 18.89
C ASP A 114 -7.75 -6.91 18.16
N PRO A 115 -6.87 -5.98 18.56
CA PRO A 115 -6.82 -4.67 17.96
C PRO A 115 -6.67 -4.65 16.45
N LEU A 116 -5.88 -5.55 15.89
CA LEU A 116 -5.71 -5.60 14.43
C LEU A 116 -7.00 -5.94 13.71
N MSE A 117 -7.72 -6.88 14.28
CA MSE A 117 -8.97 -7.32 13.78
C MSE A 117 -10.04 -6.27 13.91
O MSE A 117 -10.74 -5.98 12.97
CB MSE A 117 -9.37 -8.53 14.58
CG MSE A 117 -8.32 -9.59 14.50
SE MSE A 117 -8.67 -10.83 13.05
CE MSE A 117 -8.90 -12.47 14.11
N PHE A 118 -10.15 -5.70 15.10
CA PHE A 118 -11.07 -4.60 15.36
C PHE A 118 -10.84 -3.45 14.38
N ALA A 119 -9.57 -3.11 14.13
CA ALA A 119 -9.21 -2.01 13.21
C ALA A 119 -9.56 -2.39 11.79
N ALA A 120 -9.27 -3.63 11.40
CA ALA A 120 -9.60 -4.10 10.07
C ALA A 120 -11.15 -4.02 9.85
N ALA A 121 -11.91 -4.40 10.88
CA ALA A 121 -13.36 -4.44 10.84
C ALA A 121 -13.97 -3.06 10.75
N MSE A 122 -13.34 -2.09 11.42
CA MSE A 122 -13.78 -0.72 11.29
C MSE A 122 -13.62 -0.24 9.87
O MSE A 122 -14.51 0.45 9.34
CB MSE A 122 -12.95 0.19 12.16
CG MSE A 122 -13.34 0.17 13.60
SE MSE A 122 -12.30 1.53 14.59
CE MSE A 122 -13.38 3.28 14.20
N VAL A 123 -12.48 -0.54 9.26
CA VAL A 123 -12.23 -0.07 7.90
C VAL A 123 -13.22 -0.76 6.96
N SER A 124 -13.36 -2.07 7.10
CA SER A 124 -14.24 -2.84 6.25
C SER A 124 -15.68 -2.31 6.32
N ALA A 125 -16.09 -1.83 7.48
CA ALA A 125 -17.45 -1.37 7.74
C ALA A 125 -17.59 0.11 7.48
N GLY A 126 -16.51 0.76 7.08
CA GLY A 126 -16.52 2.21 6.86
C GLY A 126 -16.58 3.06 8.13
N LYS A 127 -16.26 2.49 9.28
CA LYS A 127 -16.12 3.32 10.51
C LYS A 127 -14.75 4.00 10.56
N ALA A 128 -13.83 3.51 9.73
CA ALA A 128 -12.57 4.17 9.43
C ALA A 128 -12.31 4.05 7.93
N ASP A 129 -11.41 4.88 7.42
CA ASP A 129 -11.07 4.89 5.99
C ASP A 129 -9.81 4.12 5.72
N VAL A 130 -8.89 4.11 6.68
CA VAL A 130 -7.58 3.53 6.47
C VAL A 130 -7.06 2.92 7.75
N CYS A 131 -6.53 1.71 7.67
CA CYS A 131 -5.83 1.11 8.81
C CYS A 131 -4.32 1.17 8.53
N ILE A 132 -3.58 1.66 9.50
CA ILE A 132 -2.13 1.57 9.45
C ILE A 132 -1.65 0.84 10.68
N ALA A 133 -0.94 -0.26 10.46
CA ALA A 133 -0.46 -1.16 11.50
C ALA A 133 0.92 -1.67 11.14
N GLY A 134 1.55 -2.39 12.08
CA GLY A 134 2.78 -3.10 11.80
C GLY A 134 4.01 -2.54 12.47
N ASN A 135 3.82 -1.43 13.17
CA ASN A 135 4.87 -0.83 13.96
C ASN A 135 5.24 -1.70 15.17
N LEU A 136 4.27 -2.48 15.67
CA LEU A 136 4.49 -3.48 16.75
C LEU A 136 4.19 -4.92 16.25
N SER A 137 3.06 -5.11 15.61
CA SER A 137 2.64 -6.39 15.05
C SER A 137 3.46 -6.84 13.85
N SER A 138 3.69 -8.16 13.79
CA SER A 138 4.37 -8.83 12.67
C SER A 138 3.62 -8.64 11.37
N THR A 139 4.36 -8.60 10.29
CA THR A 139 3.77 -8.42 8.97
C THR A 139 2.75 -9.53 8.68
N ALA A 140 3.06 -10.75 9.11
CA ALA A 140 2.20 -11.91 8.87
C ALA A 140 0.87 -11.67 9.54
N ASN A 141 0.92 -11.19 10.78
CA ASN A 141 -0.29 -10.84 11.50
C ASN A 141 -1.11 -9.70 10.90
N VAL A 142 -0.45 -8.69 10.38
CA VAL A 142 -1.14 -7.54 9.81
C VAL A 142 -1.84 -7.95 8.51
N LEU A 143 -1.15 -8.73 7.70
CA LEU A 143 -1.71 -9.14 6.42
C LEU A 143 -2.83 -10.19 6.58
N ARG A 144 -2.62 -11.07 7.54
CA ARG A 144 -3.62 -12.06 7.90
C ARG A 144 -4.92 -11.37 8.38
N ALA A 145 -4.80 -10.35 9.24
CA ALA A 145 -5.98 -9.64 9.72
C ALA A 145 -6.74 -9.03 8.56
N GLY A 146 -6.01 -8.30 7.71
CA GLY A 146 -6.60 -7.66 6.52
C GLY A 146 -7.31 -8.65 5.60
N LEU A 147 -6.64 -9.76 5.29
CA LEU A 147 -7.27 -10.76 4.43
C LEU A 147 -8.52 -11.37 5.03
N ARG A 148 -8.50 -11.59 6.34
CA ARG A 148 -9.62 -12.23 7.03
C ARG A 148 -10.82 -11.31 7.21
N ILE A 149 -10.60 -10.06 7.60
CA ILE A 149 -11.67 -9.17 7.94
C ILE A 149 -12.10 -8.30 6.76
N ILE A 150 -11.12 -7.81 6.00
CA ILE A 150 -11.43 -6.97 4.82
C ILE A 150 -11.66 -7.80 3.55
N GLY A 151 -10.78 -8.77 3.34
CA GLY A 151 -10.86 -9.72 2.20
C GLY A 151 -10.23 -9.16 0.94
N LEU A 152 -10.13 -9.94 -0.11
CA LEU A 152 -9.52 -9.46 -1.34
C LEU A 152 -10.47 -8.51 -2.05
N GLN A 153 -9.94 -7.66 -2.92
CA GLN A 153 -10.72 -6.92 -3.91
C GLN A 153 -11.30 -7.92 -4.89
N PRO A 154 -12.58 -7.81 -5.21
CA PRO A 154 -13.14 -8.62 -6.30
C PRO A 154 -12.33 -8.56 -7.61
N GLY A 155 -12.09 -9.74 -8.19
CA GLY A 155 -11.23 -9.87 -9.36
C GLY A 155 -9.73 -9.91 -9.05
N CYS A 156 -9.33 -9.58 -7.83
CA CYS A 156 -7.93 -9.71 -7.47
C CYS A 156 -7.69 -10.89 -6.52
N LYS A 157 -6.94 -11.87 -6.98
CA LYS A 157 -6.65 -13.06 -6.18
C LYS A 157 -5.30 -12.96 -5.42
N THR A 158 -4.64 -11.81 -5.45
CA THR A 158 -3.27 -11.67 -4.91
C THR A 158 -3.06 -10.38 -4.12
N LEU A 159 -2.53 -10.53 -2.92
CA LEU A 159 -2.15 -9.41 -2.09
C LEU A 159 -0.71 -9.02 -2.45
N SER A 160 -0.50 -7.75 -2.80
CA SER A 160 0.84 -7.25 -3.12
C SER A 160 1.05 -5.89 -2.48
N SER A 161 2.19 -5.27 -2.81
CA SER A 161 2.55 -3.97 -2.26
C SER A 161 3.19 -3.09 -3.34
N ILE A 162 3.22 -1.78 -3.11
CA ILE A 162 3.78 -0.84 -4.07
C ILE A 162 4.44 0.27 -3.28
N PHE A 163 5.70 0.54 -3.60
CA PHE A 163 6.34 1.71 -3.06
C PHE A 163 6.11 2.88 -3.98
N LEU A 164 5.85 4.04 -3.40
CA LEU A 164 5.99 5.28 -4.12
C LEU A 164 7.39 5.77 -3.95
N MSE A 165 8.08 5.84 -5.07
CA MSE A 165 9.45 6.25 -5.14
C MSE A 165 9.45 7.73 -5.49
O MSE A 165 9.10 8.10 -6.61
CB MSE A 165 10.15 5.44 -6.22
CG MSE A 165 9.96 3.92 -6.08
SE MSE A 165 10.75 3.20 -4.39
CE MSE A 165 12.63 3.84 -4.41
N LEU A 166 9.85 8.57 -4.54
CA LEU A 166 9.83 10.00 -4.71
C LEU A 166 11.27 10.53 -4.70
N PRO A 167 11.66 11.21 -5.77
CA PRO A 167 13.03 11.72 -5.84
C PRO A 167 13.28 12.85 -4.85
N GLN A 168 14.42 12.82 -4.18
CA GLN A 168 14.88 13.96 -3.40
C GLN A 168 15.54 14.96 -4.35
N TYR A 169 16.53 14.47 -5.07
CA TYR A 169 17.43 15.31 -5.88
C TYR A 169 16.75 16.01 -7.08
N SER A 170 15.96 15.23 -7.85
CA SER A 170 15.41 15.59 -9.18
C SER A 170 15.00 14.30 -9.89
N GLY A 171 13.90 14.34 -10.63
CA GLY A 171 13.45 13.14 -11.36
C GLY A 171 11.94 12.89 -11.31
N PRO A 172 11.51 11.75 -11.87
CA PRO A 172 10.11 11.37 -11.79
C PRO A 172 9.80 10.54 -10.54
N ALA A 173 8.54 10.65 -10.14
CA ALA A 173 7.96 9.75 -9.19
C ALA A 173 7.71 8.47 -9.95
N LEU A 174 7.98 7.35 -9.31
CA LEU A 174 7.67 6.06 -9.89
C LEU A 174 7.04 5.19 -8.82
N GLY A 175 6.35 4.16 -9.28
CA GLY A 175 5.79 3.17 -8.41
C GLY A 175 6.50 1.88 -8.68
N PHE A 176 7.01 1.27 -7.62
CA PHE A 176 7.80 0.03 -7.68
C PHE A 176 7.03 -1.07 -6.97
N ALA A 177 6.67 -2.13 -7.71
CA ALA A 177 5.83 -3.20 -7.18
C ALA A 177 6.37 -4.57 -7.51
N ASP A 178 5.70 -5.51 -6.88
CA ASP A 178 5.98 -6.05 -5.55
C ASP A 178 7.40 -6.25 -5.03
N CYS A 179 7.80 -5.30 -4.18
CA CYS A 179 9.09 -5.29 -3.50
C CYS A 179 9.06 -5.82 -2.07
N SER A 180 7.91 -6.36 -1.63
CA SER A 180 7.74 -6.79 -0.23
C SER A 180 7.03 -8.09 0.04
N VAL A 181 6.01 -8.44 -0.74
CA VAL A 181 5.13 -9.53 -0.35
C VAL A 181 5.37 -10.84 -1.13
N VAL A 182 5.04 -10.88 -2.42
CA VAL A 182 5.05 -12.12 -3.18
C VAL A 182 6.46 -12.48 -3.67
N PRO A 183 7.03 -13.60 -3.17
CA PRO A 183 8.40 -13.99 -3.52
C PRO A 183 8.67 -14.20 -5.02
N GLN A 184 7.83 -15.04 -5.64
CA GLN A 184 8.02 -15.55 -7.01
C GLN A 184 6.66 -15.62 -7.68
N PRO A 185 6.14 -14.46 -8.13
CA PRO A 185 4.79 -14.37 -8.69
C PRO A 185 4.62 -15.29 -9.88
N THR A 186 3.49 -15.99 -9.97
CA THR A 186 3.11 -16.64 -11.22
C THR A 186 2.71 -15.56 -12.24
N ALA A 187 2.58 -15.93 -13.51
CA ALA A 187 2.18 -14.98 -14.53
C ALA A 187 0.86 -14.28 -14.13
N ALA A 188 -0.04 -15.04 -13.51
CA ALA A 188 -1.35 -14.53 -13.12
C ALA A 188 -1.23 -13.61 -11.93
N GLN A 189 -0.43 -13.98 -10.94
CA GLN A 189 -0.07 -13.07 -9.81
C GLN A 189 0.62 -11.79 -10.27
N LEU A 190 1.56 -11.93 -11.18
CA LEU A 190 2.26 -10.78 -11.70
C LEU A 190 1.27 -9.81 -12.37
N ALA A 191 0.25 -10.36 -13.03
CA ALA A 191 -0.82 -9.52 -13.63
C ALA A 191 -1.72 -8.89 -12.57
N ASP A 192 -2.04 -9.66 -11.52
CA ASP A 192 -2.76 -9.11 -10.37
C ASP A 192 -1.99 -7.90 -9.80
N ILE A 193 -0.68 -8.05 -9.68
CA ILE A 193 0.19 -7.02 -9.14
C ILE A 193 0.22 -5.80 -10.07
N ALA A 194 0.41 -6.06 -11.35
CA ALA A 194 0.43 -5.01 -12.36
C ALA A 194 -0.84 -4.19 -12.27
N LEU A 195 -1.98 -4.87 -12.33
CA LEU A 195 -3.28 -4.22 -12.43
C LEU A 195 -3.66 -3.45 -11.17
N ALA A 196 -3.31 -4.00 -10.01
CA ALA A 196 -3.51 -3.33 -8.73
C ALA A 196 -2.61 -2.11 -8.61
N SER A 197 -1.38 -2.25 -9.09
CA SER A 197 -0.42 -1.16 -9.04
C SER A 197 -0.92 -0.01 -9.86
N ALA A 198 -1.43 -0.28 -11.04
CA ALA A 198 -1.98 0.79 -11.89
C ALA A 198 -3.06 1.51 -11.16
N GLU A 199 -3.90 0.73 -10.46
CA GLU A 199 -5.09 1.27 -9.80
C GLU A 199 -4.64 2.17 -8.66
N THR A 200 -3.65 1.70 -7.91
CA THR A 200 -3.06 2.45 -6.80
C THR A 200 -2.42 3.72 -7.31
N TRP A 201 -1.64 3.60 -8.37
CA TRP A 201 -0.96 4.74 -8.95
C TRP A 201 -1.94 5.84 -9.38
N ARG A 202 -2.95 5.48 -10.16
CA ARG A 202 -3.98 6.45 -10.59
C ARG A 202 -4.66 7.13 -9.39
N ALA A 203 -4.98 6.35 -8.38
CA ALA A 203 -5.76 6.82 -7.22
C ALA A 203 -4.99 7.86 -6.40
N ILE A 204 -3.68 7.61 -6.28
CA ILE A 204 -2.80 8.48 -5.51
C ILE A 204 -2.41 9.70 -6.32
N THR A 205 -2.00 9.52 -7.57
CA THR A 205 -1.41 10.61 -8.34
C THR A 205 -2.39 11.39 -9.22
N GLY A 206 -3.44 10.73 -9.72
CA GLY A 206 -4.29 11.35 -10.73
C GLY A 206 -3.72 11.15 -12.14
N GLU A 207 -2.48 10.67 -12.24
CA GLU A 207 -1.87 10.38 -13.54
C GLU A 207 -2.28 9.01 -13.99
N GLU A 208 -2.21 8.82 -15.30
CA GLU A 208 -2.61 7.59 -15.92
C GLU A 208 -1.40 6.70 -15.90
N PRO A 209 -1.56 5.48 -15.37
CA PRO A 209 -0.43 4.60 -15.25
C PRO A 209 0.11 4.15 -16.58
N ARG A 210 1.44 4.09 -16.63
CA ARG A 210 2.21 3.57 -17.74
C ARG A 210 3.07 2.46 -17.17
N VAL A 211 2.61 1.24 -17.36
CA VAL A 211 3.16 0.08 -16.68
C VAL A 211 4.19 -0.69 -17.50
N ALA A 212 5.35 -0.94 -16.89
CA ALA A 212 6.38 -1.75 -17.51
C ALA A 212 6.54 -3.05 -16.74
N MSE A 213 6.53 -4.16 -17.46
CA MSE A 213 6.80 -5.46 -16.89
C MSE A 213 8.25 -5.77 -17.11
O MSE A 213 8.68 -6.12 -18.21
CB MSE A 213 5.94 -6.54 -17.53
CG MSE A 213 4.50 -6.17 -17.77
SE MSE A 213 3.46 -6.15 -16.11
CE MSE A 213 1.89 -5.38 -16.83
N LEU A 214 9.01 -5.66 -16.02
CA LEU A 214 10.45 -5.75 -16.07
C LEU A 214 10.97 -7.18 -16.18
N SER A 215 12.07 -7.31 -16.90
CA SER A 215 12.85 -8.55 -16.98
C SER A 215 14.34 -8.20 -17.25
N PHE A 216 15.14 -9.24 -17.49
CA PHE A 216 16.47 -9.03 -18.07
C PHE A 216 16.47 -8.99 -19.59
N SER A 217 15.33 -9.21 -20.23
CA SER A 217 15.18 -9.20 -21.70
C SER A 217 14.32 -8.02 -22.09
N SER A 218 14.48 -7.50 -23.31
CA SER A 218 13.60 -6.47 -23.90
C SER A 218 13.20 -6.91 -25.28
N ASN A 219 11.92 -6.81 -25.62
CA ASN A 219 11.40 -7.55 -26.80
C ASN A 219 11.86 -8.99 -26.52
N GLY A 220 12.09 -9.83 -27.51
CA GLY A 220 12.57 -11.16 -27.15
C GLY A 220 14.09 -11.24 -27.22
N SER A 221 14.78 -10.26 -26.63
CA SER A 221 16.27 -10.19 -26.72
C SER A 221 16.88 -11.41 -26.02
N ALA A 222 16.17 -11.96 -25.05
CA ALA A 222 16.56 -13.22 -24.43
C ALA A 222 15.38 -14.18 -24.38
N ARG A 223 15.72 -15.45 -24.22
CA ARG A 223 14.75 -16.54 -24.24
C ARG A 223 15.05 -17.44 -23.03
N HIS A 224 14.11 -17.50 -22.07
CA HIS A 224 14.30 -18.24 -20.81
C HIS A 224 12.93 -18.29 -20.14
N PRO A 225 12.64 -19.38 -19.38
CA PRO A 225 11.36 -19.46 -18.64
C PRO A 225 11.02 -18.22 -17.78
N CYS A 226 12.03 -17.61 -17.17
CA CYS A 226 11.90 -16.28 -16.50
C CYS A 226 11.25 -15.23 -17.36
N VAL A 227 11.74 -15.13 -18.59
CA VAL A 227 11.27 -14.14 -19.54
C VAL A 227 9.82 -14.43 -19.92
N ALA A 228 9.53 -15.71 -20.15
CA ALA A 228 8.20 -16.15 -20.59
C ALA A 228 7.11 -15.83 -19.56
N ASN A 229 7.43 -16.03 -18.29
CA ASN A 229 6.51 -15.71 -17.18
C ASN A 229 6.09 -14.23 -17.27
N VAL A 230 7.04 -13.34 -17.55
CA VAL A 230 6.71 -11.92 -17.67
C VAL A 230 5.93 -11.64 -18.95
N GLN A 231 6.28 -12.31 -20.04
CA GLN A 231 5.52 -12.21 -21.31
C GLN A 231 4.06 -12.66 -21.13
N GLN A 232 3.90 -13.80 -20.45
CA GLN A 232 2.58 -14.32 -20.16
C GLN A 232 1.77 -13.34 -19.32
N ALA A 233 2.40 -12.77 -18.31
CA ALA A 233 1.75 -11.79 -17.47
C ALA A 233 1.28 -10.61 -18.29
N THR A 234 2.14 -10.11 -19.17
CA THR A 234 1.80 -8.99 -20.04
C THR A 234 0.57 -9.29 -20.89
N GLU A 235 0.52 -10.46 -21.52
CA GLU A 235 -0.66 -10.84 -22.32
C GLU A 235 -1.90 -10.84 -21.44
N ILE A 236 -1.81 -11.43 -20.26
CA ILE A 236 -2.96 -11.43 -19.33
C ILE A 236 -3.41 -10.00 -19.01
N VAL A 237 -2.47 -9.14 -18.68
CA VAL A 237 -2.79 -7.75 -18.35
C VAL A 237 -3.53 -7.08 -19.49
N ARG A 238 -3.08 -7.30 -20.72
CA ARG A 238 -3.70 -6.67 -21.87
C ARG A 238 -5.12 -7.17 -22.12
N GLU A 239 -5.40 -8.45 -21.89
CA GLU A 239 -6.77 -8.96 -22.10
C GLU A 239 -7.67 -8.44 -21.00
N ARG A 240 -7.18 -8.45 -19.76
CA ARG A 240 -7.96 -7.98 -18.61
C ARG A 240 -8.21 -6.48 -18.61
N ALA A 241 -7.32 -5.71 -19.22
CA ALA A 241 -7.35 -4.24 -19.13
C ALA A 241 -6.85 -3.64 -20.44
N PRO A 242 -7.67 -3.75 -21.49
CA PRO A 242 -7.24 -3.51 -22.87
C PRO A 242 -6.99 -2.06 -23.22
N LYS A 243 -7.28 -1.15 -22.29
CA LYS A 243 -6.97 0.26 -22.48
C LYS A 243 -5.90 0.75 -21.53
N LEU A 244 -5.31 -0.16 -20.74
CA LEU A 244 -4.14 0.17 -19.91
C LEU A 244 -2.95 0.37 -20.83
N VAL A 245 -2.14 1.39 -20.55
CA VAL A 245 -0.84 1.54 -21.25
C VAL A 245 0.21 0.68 -20.53
N VAL A 246 0.68 -0.32 -21.25
CA VAL A 246 1.54 -1.32 -20.69
C VAL A 246 2.41 -1.92 -21.77
N ASP A 247 3.57 -2.40 -21.38
CA ASP A 247 4.46 -3.11 -22.27
C ASP A 247 5.30 -4.06 -21.45
N GLY A 248 5.76 -5.13 -22.06
CA GLY A 248 6.24 -6.25 -21.28
C GLY A 248 7.18 -7.16 -22.00
N GLU A 249 7.92 -7.90 -21.16
CA GLU A 249 9.35 -7.81 -20.96
C GLU A 249 10.09 -6.65 -21.60
N LEU A 250 10.51 -5.80 -20.68
CA LEU A 250 11.39 -4.72 -20.95
C LEU A 250 12.41 -4.72 -19.84
N GLN A 251 13.65 -4.49 -20.21
CA GLN A 251 14.66 -4.09 -19.22
C GLN A 251 14.35 -2.71 -18.65
N PHE A 252 14.95 -2.39 -17.51
CA PHE A 252 14.66 -1.13 -16.82
C PHE A 252 14.95 0.06 -17.75
N ASP A 253 16.09 0.02 -18.44
CA ASP A 253 16.48 1.12 -19.34
C ASP A 253 15.50 1.27 -20.51
N ALA A 254 15.03 0.17 -21.10
CA ALA A 254 14.02 0.24 -22.19
C ALA A 254 12.67 0.81 -21.71
N ALA A 255 12.36 0.64 -20.42
CA ALA A 255 11.09 1.07 -19.85
C ALA A 255 11.12 2.53 -19.46
N PHE A 256 12.31 3.03 -19.12
CA PHE A 256 12.48 4.31 -18.45
C PHE A 256 13.26 5.35 -19.25
N VAL A 257 13.85 4.99 -20.39
CA VAL A 257 14.78 5.88 -21.13
C VAL A 257 14.37 5.87 -22.57
N PRO A 258 13.72 6.95 -23.03
CA PRO A 258 13.17 6.97 -24.39
C PRO A 258 14.19 6.69 -25.49
N GLU A 259 15.42 7.17 -25.36
CA GLU A 259 16.46 6.87 -26.38
C GLU A 259 16.74 5.36 -26.45
N VAL A 260 16.74 4.68 -25.29
CA VAL A 260 16.97 3.22 -25.26
C VAL A 260 15.76 2.44 -25.77
N ALA A 261 14.57 2.86 -25.38
CA ALA A 261 13.35 2.21 -25.86
C ALA A 261 13.31 2.23 -27.38
N ALA A 262 13.80 3.33 -27.95
CA ALA A 262 13.87 3.49 -29.40
C ALA A 262 14.69 2.36 -30.03
N GLN A 263 15.86 2.06 -29.48
CA GLN A 263 16.67 0.96 -29.99
C GLN A 263 16.08 -0.42 -29.64
N LYS A 264 15.91 -0.71 -28.35
CA LYS A 264 15.60 -2.06 -27.90
C LYS A 264 14.16 -2.49 -28.15
N ALA A 265 13.23 -1.53 -28.14
CA ALA A 265 11.79 -1.80 -28.24
C ALA A 265 11.03 -0.66 -28.97
N PRO A 266 11.28 -0.52 -30.29
CA PRO A 266 10.73 0.62 -31.05
C PRO A 266 9.19 0.71 -31.08
N ALA A 267 8.50 -0.42 -31.14
CA ALA A 267 7.04 -0.39 -31.15
C ALA A 267 6.40 -0.26 -29.75
N SER A 268 7.23 -0.13 -28.72
CA SER A 268 6.75 -0.01 -27.34
C SER A 268 5.81 1.18 -27.13
N PRO A 269 4.59 0.93 -26.63
CA PRO A 269 3.68 2.03 -26.29
C PRO A 269 4.06 2.83 -25.04
N LEU A 270 5.04 2.37 -24.26
CA LEU A 270 5.57 3.15 -23.15
C LEU A 270 6.46 4.29 -23.65
N GLN A 271 7.18 4.05 -24.74
CA GLN A 271 8.15 5.00 -25.33
C GLN A 271 9.20 5.45 -24.32
N GLY A 272 9.62 4.50 -23.50
CA GLY A 272 10.51 4.76 -22.38
C GLY A 272 10.02 5.77 -21.38
N LYS A 273 8.69 5.87 -21.18
CA LYS A 273 8.15 6.73 -20.14
C LYS A 273 7.22 5.99 -19.17
N ALA A 274 7.67 4.83 -18.69
CA ALA A 274 6.97 4.12 -17.63
C ALA A 274 7.11 4.83 -16.30
N ASN A 275 6.01 4.95 -15.59
CA ASN A 275 5.97 5.46 -14.25
C ASN A 275 5.63 4.36 -13.20
N VAL A 276 5.26 3.17 -13.65
CA VAL A 276 4.96 2.05 -12.78
C VAL A 276 5.79 0.84 -13.25
N MSE A 277 6.71 0.38 -12.40
CA MSE A 277 7.51 -0.79 -12.72
C MSE A 277 7.13 -1.98 -11.89
O MSE A 277 7.17 -1.93 -10.65
CB MSE A 277 9.01 -0.64 -12.46
CG MSE A 277 9.56 0.70 -12.46
SE MSE A 277 9.50 1.50 -14.20
CE MSE A 277 8.59 3.09 -13.46
N VAL A 278 6.88 -3.07 -12.60
CA VAL A 278 6.46 -4.32 -12.04
C VAL A 278 7.63 -5.23 -12.17
N PHE A 279 8.23 -5.54 -11.03
CA PHE A 279 9.40 -6.38 -10.97
C PHE A 279 8.97 -7.83 -11.05
N PRO A 280 9.85 -8.69 -11.59
CA PRO A 280 9.45 -10.06 -11.85
C PRO A 280 9.53 -10.97 -10.63
N SER A 281 10.18 -10.50 -9.56
CA SER A 281 10.41 -11.34 -8.36
C SER A 281 10.68 -10.44 -7.16
N LEU A 282 10.57 -11.01 -5.96
CA LEU A 282 10.85 -10.27 -4.72
C LEU A 282 12.32 -9.88 -4.62
N GLU A 283 13.21 -10.80 -5.00
CA GLU A 283 14.64 -10.53 -5.11
C GLU A 283 14.90 -9.27 -5.89
N ALA A 284 14.33 -9.20 -7.09
CA ALA A 284 14.60 -8.09 -7.99
C ALA A 284 14.01 -6.79 -7.45
N GLY A 285 12.76 -6.87 -7.00
CA GLY A 285 12.06 -5.73 -6.45
C GLY A 285 12.63 -5.22 -5.13
N ASN A 286 12.89 -6.14 -4.21
CA ASN A 286 13.39 -5.73 -2.91
C ASN A 286 14.76 -5.09 -3.00
N ILE A 287 15.69 -5.77 -3.68
CA ILE A 287 16.99 -5.23 -4.00
C ILE A 287 16.91 -3.90 -4.79
N GLY A 288 15.99 -3.84 -5.74
CA GLY A 288 15.91 -2.75 -6.67
C GLY A 288 15.46 -1.42 -6.11
N TYR A 289 14.31 -1.40 -5.43
CA TYR A 289 13.91 -0.18 -4.71
C TYR A 289 14.97 0.29 -3.68
N LYS A 290 15.65 -0.65 -3.03
CA LYS A 290 16.72 -0.28 -2.10
C LYS A 290 17.91 0.34 -2.80
N ILE A 291 18.25 -0.15 -3.99
CA ILE A 291 19.27 0.50 -4.81
C ILE A 291 18.78 1.91 -5.21
N ALA A 292 17.51 1.98 -5.62
CA ALA A 292 16.91 3.28 -5.97
C ALA A 292 16.99 4.26 -4.78
N GLN A 293 16.63 3.82 -3.58
CA GLN A 293 16.77 4.72 -2.42
C GLN A 293 18.20 5.04 -2.01
N ARG A 294 19.07 4.04 -1.96
CA ARG A 294 20.43 4.25 -1.43
C ARG A 294 21.42 4.82 -2.42
N LEU A 295 21.38 4.42 -3.68
CA LEU A 295 22.28 4.99 -4.68
C LEU A 295 21.60 6.13 -5.44
N GLY A 296 20.28 6.06 -5.56
CA GLY A 296 19.53 7.03 -6.37
C GLY A 296 18.99 8.22 -5.62
N GLY A 297 19.03 8.21 -4.29
CA GLY A 297 18.47 9.31 -3.50
C GLY A 297 16.94 9.37 -3.44
N TYR A 298 16.29 8.26 -3.73
CA TYR A 298 14.86 8.20 -3.72
C TYR A 298 14.34 7.92 -2.33
N ARG A 299 13.19 8.50 -2.02
CA ARG A 299 12.52 8.20 -0.79
C ARG A 299 11.46 7.16 -1.15
N ALA A 300 11.45 6.03 -0.44
CA ALA A 300 10.53 4.95 -0.74
C ALA A 300 9.35 5.00 0.25
N VAL A 301 8.23 5.55 -0.19
CA VAL A 301 7.09 5.70 0.70
C VAL A 301 6.25 4.45 0.74
N GLY A 302 6.18 3.85 1.94
CA GLY A 302 5.26 2.79 2.22
C GLY A 302 5.92 1.53 2.72
N PRO A 303 5.65 0.39 2.05
CA PRO A 303 4.88 0.34 0.83
C PRO A 303 3.44 0.38 1.16
N LEU A 304 2.61 0.63 0.14
CA LEU A 304 1.18 0.50 0.23
C LEU A 304 0.74 -0.95 -0.09
N ILE A 305 0.01 -1.59 0.82
CA ILE A 305 -0.58 -2.88 0.50
C ILE A 305 -1.74 -2.66 -0.49
N GLN A 306 -1.87 -3.59 -1.44
CA GLN A 306 -2.90 -3.53 -2.45
C GLN A 306 -3.44 -4.93 -2.70
N GLY A 307 -4.63 -4.98 -3.27
CA GLY A 307 -5.33 -6.25 -3.51
C GLY A 307 -6.48 -6.48 -2.56
N LEU A 308 -6.57 -5.65 -1.52
CA LEU A 308 -7.63 -5.75 -0.52
C LEU A 308 -8.84 -4.91 -0.91
N ALA A 309 -9.99 -5.25 -0.35
CA ALA A 309 -11.22 -4.49 -0.61
C ALA A 309 -11.24 -3.06 0.02
N ALA A 310 -10.30 -2.79 0.93
CA ALA A 310 -10.21 -1.50 1.61
C ALA A 310 -8.81 -1.37 2.19
N PRO A 311 -8.35 -0.14 2.48
CA PRO A 311 -6.94 0.08 2.83
C PRO A 311 -6.51 -0.35 4.24
N MSE A 312 -5.58 -1.28 4.29
CA MSE A 312 -4.89 -1.64 5.50
C MSE A 312 -3.44 -1.81 5.13
O MSE A 312 -3.10 -2.65 4.31
CB MSE A 312 -5.42 -2.94 6.09
CG MSE A 312 -4.63 -3.39 7.34
SE MSE A 312 -5.81 -4.28 8.64
CE MSE A 312 -4.51 -5.02 10.17
N HIS A 313 -2.58 -1.02 5.74
CA HIS A 313 -1.17 -1.02 5.34
C HIS A 313 -0.32 -1.48 6.50
N ASP A 314 0.86 -1.98 6.15
CA ASP A 314 1.84 -2.61 7.08
C ASP A 314 3.16 -1.82 7.12
N LEU A 315 3.48 -1.25 8.28
CA LEU A 315 4.74 -0.56 8.53
C LEU A 315 5.77 -1.58 8.97
N SER A 316 7.03 -1.17 8.90
CA SER A 316 8.12 -1.94 9.47
C SER A 316 8.10 -1.72 10.96
N ARG A 317 8.43 -2.75 11.73
CA ARG A 317 8.52 -2.61 13.17
C ARG A 317 9.60 -1.59 13.56
N GLY A 318 10.54 -1.36 12.65
CA GLY A 318 11.58 -0.41 12.89
C GLY A 318 11.38 0.95 12.27
N CYS A 319 10.16 1.24 11.80
CA CYS A 319 9.82 2.51 11.18
C CYS A 319 10.11 3.71 12.08
N SER A 320 10.21 4.88 11.44
CA SER A 320 10.33 6.16 12.13
C SER A 320 8.97 6.81 12.16
N VAL A 321 8.83 7.82 13.02
CA VAL A 321 7.65 8.66 13.11
C VAL A 321 7.31 9.24 11.77
N GLN A 322 8.31 9.73 11.06
CA GLN A 322 8.12 10.33 9.76
C GLN A 322 7.59 9.37 8.72
N GLU A 323 8.09 8.14 8.72
CA GLU A 323 7.57 7.09 7.83
C GLU A 323 6.09 6.82 8.06
N ILE A 324 5.70 6.75 9.32
CA ILE A 324 4.27 6.58 9.66
C ILE A 324 3.46 7.76 9.12
N ILE A 325 3.91 8.98 9.39
CA ILE A 325 3.20 10.16 8.91
C ILE A 325 3.02 10.13 7.40
N GLU A 326 4.08 9.80 6.67
CA GLU A 326 4.00 9.95 5.23
C GLU A 326 3.21 8.84 4.59
N LEU A 327 3.23 7.67 5.21
CA LEU A 327 2.38 6.56 4.81
C LEU A 327 0.90 6.90 5.04
N ALA A 328 0.56 7.44 6.20
CA ALA A 328 -0.81 7.92 6.48
C ALA A 328 -1.30 8.94 5.46
N LEU A 329 -0.42 9.86 5.09
CA LEU A 329 -0.78 10.90 4.17
C LEU A 329 -1.10 10.40 2.77
N VAL A 330 -0.21 9.60 2.20
CA VAL A 330 -0.49 9.03 0.89
C VAL A 330 -1.63 8.03 0.94
N ALA A 331 -1.73 7.28 2.04
CA ALA A 331 -2.84 6.35 2.18
C ALA A 331 -4.20 7.05 2.20
N ALA A 332 -4.22 8.30 2.66
CA ALA A 332 -5.44 9.09 2.84
C ALA A 332 -5.86 9.85 1.62
N VAL A 333 -4.96 10.01 0.67
CA VAL A 333 -5.25 10.83 -0.53
C VAL A 333 -6.38 10.27 -1.43
N PRO A 334 -6.34 8.96 -1.75
CA PRO A 334 -7.41 8.35 -2.55
C PRO A 334 -8.79 8.66 -1.96
N ARG A 335 -9.65 9.35 -2.74
CA ARG A 335 -10.92 9.92 -2.19
C ARG A 335 -12.15 9.73 -3.09
C1 GOL B . 12.97 -3.55 4.37
O1 GOL B . 12.86 -2.90 5.59
C2 GOL B . 12.14 -4.80 4.46
O2 GOL B . 12.95 -5.79 5.06
C3 GOL B . 11.69 -5.21 3.08
O3 GOL B . 10.49 -4.54 2.74
C1 GOL C . 10.28 -6.27 11.04
O1 GOL C . 11.02 -5.06 11.01
C2 GOL C . 9.26 -6.40 9.88
O2 GOL C . 8.39 -5.34 10.08
C3 GOL C . 8.53 -7.79 9.85
O3 GOL C . 7.57 -8.17 10.88
#